data_5OGX
#
_entry.id   5OGX
#
_cell.length_a   60.846
_cell.length_b   65.903
_cell.length_c   97.847
_cell.angle_alpha   90.00
_cell.angle_beta   90.00
_cell.angle_gamma   90.00
#
_symmetry.space_group_name_H-M   'P 21 21 21'
#
loop_
_entity.id
_entity.type
_entity.pdbx_description
1 polymer 'Cytochrome P450 reductase'
2 non-polymer 'FLAVIN-ADENINE DINUCLEOTIDE'
3 non-polymer 'FE2/S2 (INORGANIC) CLUSTER'
4 non-polymer 'SODIUM ION'
5 non-polymer 'BROMIDE ION'
6 water water
#
_entity_poly.entity_id   1
_entity_poly.type   'polypeptide(L)'
_entity_poly.pdbx_seq_one_letter_code
;GPMTFAVSVGGRRVDCEPGQTLLEAFLRGGVWMPNSCNQGTCGTCKLQVLSGEVDHGGAPEDTLSAEERASGLALACQAR
PLADTEVRSTADAGRVTHPLRDLTATVLEVADIARDTRRVLLGLAEPLAFEAGQYVELVVPGSGARRQYSLANTADEDKV
LELHVRRVPGGVATDGWLFDGLAAGDRVEATGPLGDFHLPPPDEDDGGPMVLIGGGTGLAPLVGIARTALARHPSREVLL
YHGVRGAADLYDLGRFAEIAEEHPGFRFVPVLSDEPDPAYRGGFPTDAFVEDVPSGRGWSGWLCGPPAMVEAGVKAFKRR
RMSPRRIHREKFTPAS
;
_entity_poly.pdbx_strand_id   A
#
# COMPACT_ATOMS: atom_id res chain seq x y z
N THR A 4 17.68 -13.77 -22.25
CA THR A 4 16.36 -13.51 -21.66
C THR A 4 15.29 -14.45 -22.21
N PHE A 5 14.20 -14.59 -21.47
CA PHE A 5 13.06 -15.40 -21.89
C PHE A 5 11.85 -14.51 -22.15
N ALA A 6 11.04 -14.93 -23.10
CA ALA A 6 9.80 -14.23 -23.40
C ALA A 6 8.72 -14.71 -22.43
N VAL A 7 8.10 -13.76 -21.73
CA VAL A 7 7.02 -14.08 -20.80
C VAL A 7 5.80 -13.25 -21.17
N SER A 8 4.62 -13.86 -21.15
CA SER A 8 3.44 -13.20 -21.65
C SER A 8 2.27 -13.39 -20.69
N VAL A 9 1.42 -12.38 -20.63
CA VAL A 9 0.15 -12.44 -19.91
C VAL A 9 -0.85 -11.57 -20.66
N GLY A 10 -2.07 -12.07 -20.81
CA GLY A 10 -3.12 -11.29 -21.44
C GLY A 10 -2.80 -10.79 -22.84
N GLY A 11 -2.06 -11.56 -23.62
CA GLY A 11 -1.68 -11.14 -24.95
C GLY A 11 -0.51 -10.19 -25.03
N ARG A 12 0.09 -9.83 -23.90
CA ARG A 12 1.19 -8.87 -23.85
C ARG A 12 2.48 -9.61 -23.50
N ARG A 13 3.54 -9.37 -24.27
CA ARG A 13 4.82 -10.00 -24.05
C ARG A 13 5.83 -8.99 -23.51
N VAL A 14 6.66 -9.42 -22.57
CA VAL A 14 7.88 -8.71 -22.19
C VAL A 14 9.01 -9.73 -22.16
N ASP A 15 10.24 -9.23 -22.13
CA ASP A 15 11.39 -10.10 -22.05
C ASP A 15 11.97 -10.03 -20.64
N CYS A 16 12.14 -11.19 -20.02
CA CYS A 16 12.51 -11.32 -18.63
C CYS A 16 13.92 -11.89 -18.56
N GLU A 17 14.81 -11.21 -17.84
CA GLU A 17 16.13 -11.77 -17.63
C GLU A 17 16.04 -13.00 -16.74
N PRO A 18 16.95 -13.95 -16.88
CA PRO A 18 16.84 -15.21 -16.12
C PRO A 18 16.88 -15.03 -14.61
N GLY A 19 17.52 -13.96 -14.11
CA GLY A 19 17.50 -13.71 -12.69
C GLY A 19 16.39 -12.80 -12.22
N GLN A 20 15.50 -12.40 -13.13
CA GLN A 20 14.47 -11.42 -12.86
C GLN A 20 13.12 -12.11 -12.67
N THR A 21 12.30 -11.57 -11.77
CA THR A 21 11.00 -12.19 -11.52
C THR A 21 9.98 -11.78 -12.57
N LEU A 22 8.96 -12.64 -12.74
CA LEU A 22 7.87 -12.32 -13.68
C LEU A 22 7.24 -10.97 -13.35
N LEU A 23 6.89 -10.76 -12.07
CA LEU A 23 6.24 -9.51 -11.70
C LEU A 23 7.08 -8.30 -12.11
N GLU A 24 8.37 -8.33 -11.80
CA GLU A 24 9.18 -7.15 -12.08
C GLU A 24 9.37 -6.93 -13.57
N ALA A 25 9.48 -8.02 -14.34
CA ALA A 25 9.56 -7.89 -15.78
C ALA A 25 8.30 -7.24 -16.35
N PHE A 26 7.12 -7.69 -15.90
CA PHE A 26 5.87 -7.11 -16.40
C PHE A 26 5.74 -5.65 -15.98
N LEU A 27 5.90 -5.34 -14.69
CA LEU A 27 5.68 -3.95 -14.29
C LEU A 27 6.72 -3.01 -14.89
N ARG A 28 7.97 -3.46 -15.02
CA ARG A 28 8.96 -2.61 -15.66
C ARG A 28 8.60 -2.35 -17.12
N GLY A 29 7.87 -3.25 -17.75
CA GLY A 29 7.34 -3.02 -19.08
C GLY A 29 6.01 -2.29 -19.14
N GLY A 30 5.52 -1.79 -18.01
CA GLY A 30 4.22 -1.13 -17.98
C GLY A 30 3.05 -2.05 -18.17
N VAL A 31 3.23 -3.36 -17.92
CA VAL A 31 2.20 -4.38 -18.09
C VAL A 31 1.72 -4.76 -16.71
N TRP A 32 0.45 -4.49 -16.41
CA TRP A 32 -0.04 -4.65 -15.05
C TRP A 32 -0.41 -6.10 -14.74
N MET A 33 -0.13 -6.50 -13.51
CA MET A 33 -0.80 -7.64 -12.92
C MET A 33 -0.85 -7.40 -11.42
N PRO A 34 -1.78 -8.05 -10.71
CA PRO A 34 -1.98 -7.73 -9.29
C PRO A 34 -0.72 -7.97 -8.46
N ASN A 35 -0.50 -7.09 -7.52
CA ASN A 35 0.64 -7.15 -6.66
C ASN A 35 0.42 -6.29 -5.42
N SER A 36 0.84 -6.78 -4.26
CA SER A 36 0.57 -6.01 -3.05
C SER A 36 1.66 -6.17 -1.99
N CYS A 37 2.84 -6.70 -2.33
CA CYS A 37 3.91 -6.83 -1.34
C CYS A 37 5.28 -7.07 -1.98
N ASN A 38 5.30 -7.71 -3.16
CA ASN A 38 6.54 -8.08 -3.85
C ASN A 38 7.50 -8.87 -2.96
N GLN A 39 6.94 -9.62 -1.99
CA GLN A 39 7.78 -10.39 -1.10
C GLN A 39 7.20 -11.77 -0.77
N GLY A 40 6.15 -12.20 -1.48
CA GLY A 40 5.63 -13.55 -1.32
C GLY A 40 4.64 -13.75 -0.19
N THR A 41 4.19 -12.68 0.46
CA THR A 41 3.31 -12.85 1.61
C THR A 41 1.85 -12.55 1.34
N CYS A 42 1.54 -11.68 0.38
CA CYS A 42 0.13 -11.28 0.23
C CYS A 42 -0.65 -12.27 -0.63
N GLY A 43 0.02 -12.98 -1.51
CA GLY A 43 -0.61 -13.97 -2.37
C GLY A 43 -1.40 -13.43 -3.54
N THR A 44 -1.49 -12.10 -3.71
CA THR A 44 -2.34 -11.55 -4.76
C THR A 44 -1.73 -11.66 -6.16
N CYS A 45 -0.44 -11.94 -6.28
CA CYS A 45 0.17 -12.09 -7.60
C CYS A 45 0.15 -13.52 -8.11
N LYS A 46 -0.66 -14.38 -7.52
CA LYS A 46 -0.70 -15.78 -7.93
C LYS A 46 -1.11 -15.89 -9.40
N LEU A 47 -0.46 -16.80 -10.10
CA LEU A 47 -0.60 -16.99 -11.54
C LEU A 47 -0.79 -18.46 -11.82
N GLN A 48 -1.43 -18.77 -12.94
CA GLN A 48 -1.35 -20.10 -13.52
C GLN A 48 -0.30 -20.09 -14.62
N VAL A 49 0.66 -21.01 -14.55
CA VAL A 49 1.62 -21.19 -15.62
C VAL A 49 0.96 -22.04 -16.70
N LEU A 50 0.72 -21.45 -17.87
CA LEU A 50 0.04 -22.16 -18.95
C LEU A 50 1.00 -22.97 -19.82
N SER A 51 2.20 -22.43 -20.05
CA SER A 51 3.25 -23.14 -20.77
C SER A 51 4.59 -22.55 -20.32
N GLY A 52 5.62 -23.37 -20.42
CA GLY A 52 6.94 -22.98 -19.93
C GLY A 52 7.24 -23.58 -18.57
N GLU A 53 8.13 -22.89 -17.86
CA GLU A 53 8.63 -23.44 -16.61
C GLU A 53 9.25 -22.31 -15.80
N VAL A 54 9.05 -22.36 -14.48
CA VAL A 54 9.58 -21.34 -13.60
C VAL A 54 10.29 -22.01 -12.43
N ASP A 55 11.19 -21.24 -11.83
CA ASP A 55 11.74 -21.55 -10.52
C ASP A 55 10.95 -20.75 -9.50
N HIS A 56 10.43 -21.43 -8.48
CA HIS A 56 9.54 -20.76 -7.54
C HIS A 56 10.27 -19.87 -6.53
N GLY A 57 11.60 -19.88 -6.52
CA GLY A 57 12.33 -18.94 -5.69
C GLY A 57 11.99 -19.07 -4.22
N GLY A 58 11.77 -17.93 -3.57
CA GLY A 58 11.52 -17.92 -2.14
C GLY A 58 10.07 -17.98 -1.76
N ALA A 59 9.23 -18.50 -2.65
CA ALA A 59 7.80 -18.56 -2.39
C ALA A 59 7.50 -19.40 -1.14
N PRO A 60 6.88 -18.82 -0.11
CA PRO A 60 6.59 -19.59 1.11
C PRO A 60 5.42 -20.55 0.91
N GLU A 61 5.44 -21.62 1.71
CA GLU A 61 4.44 -22.69 1.54
C GLU A 61 3.04 -22.19 1.86
N ASP A 62 2.90 -21.29 2.83
CA ASP A 62 1.56 -20.85 3.20
C ASP A 62 0.95 -19.98 2.12
N THR A 63 1.78 -19.30 1.32
CA THR A 63 1.28 -18.53 0.19
C THR A 63 1.11 -19.37 -1.06
N LEU A 64 1.93 -20.40 -1.23
CA LEU A 64 1.92 -21.22 -2.45
C LEU A 64 2.25 -22.65 -2.04
N SER A 65 1.21 -23.47 -1.88
CA SER A 65 1.40 -24.80 -1.34
C SER A 65 2.07 -25.74 -2.35
N ALA A 66 2.60 -26.85 -1.84
CA ALA A 66 3.14 -27.88 -2.74
C ALA A 66 2.07 -28.38 -3.70
N GLU A 67 0.83 -28.49 -3.21
CA GLU A 67 -0.29 -28.84 -4.06
C GLU A 67 -0.44 -27.84 -5.21
N GLU A 68 -0.43 -26.55 -4.89
CA GLU A 68 -0.61 -25.52 -5.90
C GLU A 68 0.53 -25.52 -6.91
N ARG A 69 1.77 -25.73 -6.45
CA ARG A 69 2.89 -25.81 -7.39
C ARG A 69 2.73 -26.98 -8.33
N ALA A 70 2.27 -28.11 -7.81
CA ALA A 70 2.09 -29.30 -8.64
C ALA A 70 1.00 -29.10 -9.68
N SER A 71 0.01 -28.28 -9.37
CA SER A 71 -1.04 -27.96 -10.34
C SER A 71 -0.65 -26.83 -11.28
N GLY A 72 0.56 -26.29 -11.13
CA GLY A 72 1.08 -25.30 -12.06
C GLY A 72 0.89 -23.85 -11.66
N LEU A 73 0.56 -23.57 -10.41
CA LEU A 73 0.46 -22.18 -9.97
C LEU A 73 1.82 -21.67 -9.51
N ALA A 74 1.95 -20.35 -9.45
CA ALA A 74 3.18 -19.70 -9.04
C ALA A 74 2.84 -18.33 -8.48
N LEU A 75 3.81 -17.72 -7.81
CA LEU A 75 3.73 -16.32 -7.40
C LEU A 75 4.59 -15.50 -8.34
N ALA A 76 3.97 -14.54 -9.04
CA ALA A 76 4.72 -13.72 -9.98
C ALA A 76 5.91 -13.02 -9.33
N CYS A 77 5.79 -12.61 -8.06
CA CYS A 77 6.91 -11.90 -7.46
C CYS A 77 8.02 -12.82 -6.98
N GLN A 78 7.81 -14.13 -7.01
CA GLN A 78 8.86 -15.06 -6.63
C GLN A 78 9.36 -15.90 -7.80
N ALA A 79 8.56 -16.02 -8.85
CA ALA A 79 8.87 -16.95 -9.93
C ALA A 79 9.83 -16.32 -10.94
N ARG A 80 10.89 -17.06 -11.29
CA ARG A 80 11.76 -16.66 -12.37
C ARG A 80 11.69 -17.68 -13.49
N PRO A 81 11.64 -17.24 -14.74
CA PRO A 81 11.44 -18.17 -15.85
C PRO A 81 12.69 -19.01 -16.11
N LEU A 82 12.46 -20.27 -16.46
CA LEU A 82 13.52 -21.15 -16.96
C LEU A 82 13.35 -21.45 -18.44
N ALA A 83 12.32 -20.89 -19.06
CA ALA A 83 12.03 -21.01 -20.48
C ALA A 83 11.01 -19.94 -20.82
N ASP A 84 10.72 -19.78 -22.11
CA ASP A 84 9.63 -18.90 -22.48
C ASP A 84 8.35 -19.40 -21.82
N THR A 85 7.63 -18.48 -21.19
CA THR A 85 6.57 -18.85 -20.26
C THR A 85 5.34 -17.99 -20.48
N GLU A 86 4.19 -18.63 -20.60
CA GLU A 86 2.90 -17.97 -20.76
C GLU A 86 2.11 -18.17 -19.48
N VAL A 87 1.54 -17.08 -18.93
CA VAL A 87 0.86 -17.17 -17.65
C VAL A 87 -0.53 -16.58 -17.74
N ARG A 88 -1.37 -16.97 -16.78
CA ARG A 88 -2.71 -16.42 -16.63
C ARG A 88 -2.81 -15.80 -15.26
N SER A 89 -3.19 -14.53 -15.23
CA SER A 89 -3.42 -13.83 -13.98
C SER A 89 -4.92 -13.55 -13.90
N THR A 90 -5.32 -12.38 -13.42
CA THR A 90 -6.73 -12.05 -13.41
C THR A 90 -7.16 -11.53 -14.79
N ALA A 91 -8.48 -11.38 -14.95
CA ALA A 91 -9.02 -10.96 -16.25
C ALA A 91 -8.43 -9.64 -16.72
N ASP A 92 -8.19 -8.71 -15.79
CA ASP A 92 -7.69 -7.39 -16.16
C ASP A 92 -6.18 -7.35 -16.33
N ALA A 93 -5.45 -8.41 -16.00
CA ALA A 93 -4.00 -8.37 -16.14
C ALA A 93 -3.63 -8.15 -17.60
N GLY A 94 -2.55 -7.41 -17.81
CA GLY A 94 -2.12 -7.02 -19.13
C GLY A 94 -2.42 -5.57 -19.51
N ARG A 95 -3.35 -4.91 -18.81
CA ARG A 95 -3.62 -3.50 -19.04
C ARG A 95 -2.38 -2.66 -18.75
N VAL A 96 -2.39 -1.43 -19.26
CA VAL A 96 -1.29 -0.49 -19.01
C VAL A 96 -1.24 -0.11 -17.53
N THR A 97 -0.03 0.02 -17.00
CA THR A 97 0.16 0.63 -15.69
C THR A 97 1.39 1.52 -15.75
N HIS A 98 1.55 2.34 -14.71
CA HIS A 98 2.76 3.13 -14.56
C HIS A 98 3.96 2.20 -14.47
N PRO A 99 5.01 2.44 -15.25
CA PRO A 99 6.15 1.52 -15.24
C PRO A 99 6.89 1.53 -13.92
N LEU A 100 7.22 0.34 -13.44
CA LEU A 100 8.14 0.20 -12.32
C LEU A 100 9.53 0.65 -12.77
N ARG A 101 10.17 1.53 -12.00
CA ARG A 101 11.48 1.98 -12.45
C ARG A 101 12.41 2.28 -11.28
N ASP A 102 13.70 2.35 -11.60
CA ASP A 102 14.71 2.69 -10.60
C ASP A 102 14.76 4.19 -10.39
N LEU A 103 14.76 4.62 -9.13
CA LEU A 103 14.66 6.03 -8.79
C LEU A 103 16.04 6.58 -8.44
N THR A 104 16.26 7.84 -8.81
CA THR A 104 17.42 8.60 -8.36
C THR A 104 16.92 9.50 -7.24
N ALA A 105 16.95 8.97 -6.01
CA ALA A 105 16.26 9.58 -4.87
C ALA A 105 17.27 10.13 -3.88
N THR A 106 17.02 11.35 -3.39
CA THR A 106 17.89 12.02 -2.44
C THR A 106 17.07 12.49 -1.25
N VAL A 107 17.56 12.23 -0.04
CA VAL A 107 16.84 12.65 1.15
C VAL A 107 16.83 14.17 1.20
N LEU A 108 15.64 14.77 1.17
CA LEU A 108 15.50 16.20 1.36
C LEU A 108 15.25 16.57 2.80
N GLU A 109 14.52 15.73 3.55
CA GLU A 109 14.26 16.01 4.96
C GLU A 109 13.95 14.69 5.65
N VAL A 110 14.38 14.58 6.90
CA VAL A 110 13.94 13.53 7.80
C VAL A 110 13.58 14.20 9.12
N ALA A 111 12.35 14.01 9.56
CA ALA A 111 11.81 14.78 10.68
C ALA A 111 11.11 13.83 11.65
N ASP A 112 11.40 14.01 12.94
CA ASP A 112 10.69 13.28 13.98
C ASP A 112 9.35 13.98 14.18
N ILE A 113 8.24 13.31 13.84
CA ILE A 113 6.93 13.96 13.84
C ILE A 113 6.02 13.47 14.95
N ALA A 114 6.32 12.35 15.59
CA ALA A 114 5.50 11.79 16.66
C ALA A 114 6.31 10.67 17.31
N ARG A 115 5.78 10.13 18.42
CA ARG A 115 6.45 9.03 19.08
C ARG A 115 6.77 7.92 18.09
N ASP A 116 8.05 7.58 18.01
CA ASP A 116 8.55 6.51 17.13
C ASP A 116 8.13 6.71 15.67
N THR A 117 7.95 7.94 15.23
CA THR A 117 7.44 8.20 13.89
C THR A 117 8.28 9.26 13.20
N ARG A 118 8.68 8.99 11.95
CA ARG A 118 9.43 9.94 11.16
C ARG A 118 8.78 10.17 9.80
N ARG A 119 8.86 11.41 9.33
CA ARG A 119 8.55 11.75 7.95
C ARG A 119 9.85 11.76 7.17
N VAL A 120 9.84 11.14 6.01
CA VAL A 120 11.00 11.16 5.12
C VAL A 120 10.55 11.73 3.78
N LEU A 121 11.24 12.77 3.33
CA LEU A 121 10.97 13.37 2.03
C LEU A 121 12.12 13.00 1.10
N LEU A 122 11.81 12.34 -0.01
CA LEU A 122 12.80 11.89 -0.98
C LEU A 122 12.62 12.67 -2.27
N GLY A 123 13.62 13.46 -2.64
CA GLY A 123 13.57 14.19 -3.89
C GLY A 123 14.03 13.33 -5.05
N LEU A 124 13.31 13.45 -6.17
CA LEU A 124 13.58 12.65 -7.35
C LEU A 124 14.19 13.51 -8.46
N ALA A 125 15.07 12.88 -9.24
CA ALA A 125 15.65 13.58 -10.38
C ALA A 125 14.63 13.79 -11.49
N GLU A 126 13.67 12.87 -11.63
CA GLU A 126 12.62 12.91 -12.65
C GLU A 126 11.28 12.64 -12.01
N PRO A 127 10.20 13.20 -12.55
CA PRO A 127 8.86 12.93 -11.99
C PRO A 127 8.55 11.44 -12.02
N LEU A 128 7.90 10.98 -10.97
CA LEU A 128 7.42 9.60 -10.89
C LEU A 128 5.92 9.56 -11.20
N ALA A 129 5.54 8.71 -12.15
CA ALA A 129 4.13 8.44 -12.42
C ALA A 129 3.64 7.37 -11.46
N PHE A 130 2.57 7.64 -10.72
CA PHE A 130 2.01 6.68 -9.78
C PHE A 130 0.57 7.06 -9.48
N GLU A 131 -0.16 6.12 -8.86
CA GLU A 131 -1.48 6.37 -8.30
C GLU A 131 -1.34 6.58 -6.81
N ALA A 132 -2.10 7.52 -6.25
CA ALA A 132 -2.07 7.69 -4.79
C ALA A 132 -2.43 6.39 -4.10
N GLY A 133 -1.66 6.03 -3.07
CA GLY A 133 -1.83 4.77 -2.36
C GLY A 133 -0.80 3.71 -2.74
N GLN A 134 -0.08 3.91 -3.84
CA GLN A 134 0.98 2.99 -4.19
C GLN A 134 2.17 3.21 -3.26
N TYR A 135 3.16 2.31 -3.35
CA TYR A 135 4.29 2.35 -2.44
C TYR A 135 5.59 2.25 -3.23
N VAL A 136 6.70 2.50 -2.52
CA VAL A 136 8.02 2.36 -3.11
C VAL A 136 8.83 1.37 -2.28
N GLU A 137 9.80 0.74 -2.94
CA GLU A 137 10.64 -0.25 -2.31
C GLU A 137 12.02 0.32 -2.08
N LEU A 138 12.45 0.41 -0.83
CA LEU A 138 13.77 0.91 -0.50
C LEU A 138 14.71 -0.25 -0.20
N VAL A 139 15.99 -0.04 -0.47
CA VAL A 139 17.05 -1.00 -0.13
C VAL A 139 17.88 -0.38 1.00
N VAL A 140 18.04 -1.14 2.08
CA VAL A 140 18.82 -0.63 3.23
C VAL A 140 20.29 -0.62 2.83
N PRO A 141 20.96 0.52 2.93
CA PRO A 141 22.36 0.58 2.48
C PRO A 141 23.22 -0.38 3.28
N GLY A 142 24.12 -1.09 2.57
CA GLY A 142 25.06 -1.98 3.21
C GLY A 142 24.47 -3.30 3.65
N SER A 143 23.16 -3.34 3.85
CA SER A 143 22.46 -4.51 4.34
C SER A 143 21.87 -5.35 3.20
N GLY A 144 21.29 -4.71 2.18
CA GLY A 144 20.63 -5.42 1.10
C GLY A 144 19.16 -5.73 1.36
N ALA A 145 18.71 -5.59 2.59
CA ALA A 145 17.30 -5.80 2.94
C ALA A 145 16.41 -4.86 2.13
N ARG A 146 15.25 -5.36 1.72
CA ARG A 146 14.29 -4.58 0.94
C ARG A 146 13.03 -4.36 1.77
N ARG A 147 12.56 -3.11 1.81
CA ARG A 147 11.41 -2.77 2.64
C ARG A 147 10.51 -1.79 1.89
N GLN A 148 9.21 -1.95 2.09
CA GLN A 148 8.18 -1.18 1.41
C GLN A 148 7.75 0.00 2.28
N TYR A 149 7.53 1.15 1.65
CA TYR A 149 6.99 2.32 2.34
C TYR A 149 5.96 2.98 1.45
N SER A 150 4.75 3.14 1.98
CA SER A 150 3.65 3.73 1.22
C SER A 150 3.89 5.21 0.97
N LEU A 151 3.42 5.68 -0.19
CA LEU A 151 3.44 7.10 -0.51
C LEU A 151 2.25 7.79 0.16
N ALA A 152 2.51 8.91 0.84
CA ALA A 152 1.43 9.77 1.27
C ALA A 152 1.00 10.74 0.18
N ASN A 153 1.68 10.74 -0.96
CA ASN A 153 1.54 11.73 -2.02
C ASN A 153 0.22 11.62 -2.75
N THR A 154 -0.26 12.78 -3.21
CA THR A 154 -1.15 12.76 -4.37
C THR A 154 -0.31 12.73 -5.63
N ALA A 155 -0.93 12.31 -6.74
CA ALA A 155 -0.18 12.02 -7.95
C ALA A 155 0.49 13.26 -8.54
N ASP A 156 -0.02 14.45 -8.23
CA ASP A 156 0.60 15.68 -8.70
C ASP A 156 1.86 16.02 -7.94
N GLU A 157 2.04 15.48 -6.73
CA GLU A 157 3.26 15.69 -5.95
C GLU A 157 4.28 14.65 -6.40
N ASP A 158 4.80 14.86 -7.62
CA ASP A 158 5.50 13.77 -8.30
C ASP A 158 7.02 13.86 -8.23
N LYS A 159 7.57 14.87 -7.55
CA LYS A 159 9.01 15.04 -7.47
C LYS A 159 9.56 14.87 -6.07
N VAL A 160 8.74 14.86 -5.03
CA VAL A 160 9.20 14.69 -3.67
C VAL A 160 8.29 13.65 -3.03
N LEU A 161 8.84 12.46 -2.77
CA LEU A 161 8.05 11.38 -2.19
C LEU A 161 7.98 11.56 -0.68
N GLU A 162 6.79 11.35 -0.12
CA GLU A 162 6.56 11.51 1.32
C GLU A 162 6.28 10.16 1.95
N LEU A 163 7.12 9.74 2.89
CA LEU A 163 6.97 8.48 3.61
C LEU A 163 6.72 8.77 5.09
N HIS A 164 5.90 7.93 5.72
CA HIS A 164 5.70 7.96 7.18
C HIS A 164 6.21 6.64 7.73
N VAL A 165 7.26 6.69 8.55
CA VAL A 165 7.98 5.51 8.97
C VAL A 165 7.81 5.32 10.47
N ARG A 166 7.35 4.13 10.87
CA ARG A 166 7.25 3.76 12.28
C ARG A 166 8.48 2.96 12.70
N ARG A 167 9.10 3.36 13.81
CA ARG A 167 10.26 2.64 14.32
C ARG A 167 9.85 1.28 14.87
N VAL A 168 10.51 0.24 14.39
CA VAL A 168 10.32 -1.12 14.91
C VAL A 168 11.57 -1.46 15.74
N PRO A 169 11.43 -1.71 17.05
CA PRO A 169 12.60 -2.05 17.86
C PRO A 169 13.37 -3.23 17.30
N GLY A 170 14.68 -3.06 17.18
CA GLY A 170 15.53 -4.07 16.60
C GLY A 170 15.42 -4.23 15.10
N GLY A 171 14.69 -3.34 14.42
CA GLY A 171 14.46 -3.48 12.99
C GLY A 171 15.67 -3.07 12.16
N VAL A 172 15.87 -3.78 11.06
CA VAL A 172 17.02 -3.52 10.19
C VAL A 172 16.87 -2.16 9.51
N ALA A 173 15.71 -1.90 8.89
CA ALA A 173 15.54 -0.65 8.15
C ALA A 173 15.22 0.52 9.06
N THR A 174 14.41 0.31 10.10
CA THR A 174 13.94 1.45 10.90
C THR A 174 14.93 1.75 12.02
N ASP A 175 14.94 0.91 13.06
CA ASP A 175 15.87 1.08 14.17
C ASP A 175 17.32 1.20 13.69
N GLY A 176 17.68 0.47 12.65
CA GLY A 176 19.05 0.44 12.20
C GLY A 176 19.48 1.47 11.16
N TRP A 177 18.54 2.26 10.60
CA TRP A 177 18.90 3.14 9.50
C TRP A 177 18.02 4.39 9.44
N LEU A 178 16.72 4.22 9.18
CA LEU A 178 15.87 5.39 9.00
C LEU A 178 15.74 6.22 10.28
N PHE A 179 15.93 5.60 11.44
CA PHE A 179 15.94 6.31 12.71
C PHE A 179 17.34 6.50 13.27
N ASP A 180 18.36 6.00 12.57
CA ASP A 180 19.72 6.05 13.12
C ASP A 180 20.72 6.07 11.95
N GLY A 181 20.92 7.25 11.38
CA GLY A 181 21.89 7.35 10.31
C GLY A 181 21.44 8.13 9.09
N LEU A 182 20.20 7.90 8.65
CA LEU A 182 19.66 8.64 7.52
C LEU A 182 19.78 10.13 7.74
N ALA A 183 20.25 10.84 6.71
CA ALA A 183 20.44 12.28 6.81
C ALA A 183 20.14 12.93 5.46
N ALA A 184 19.71 14.19 5.52
CA ALA A 184 19.52 14.97 4.30
C ALA A 184 20.77 14.91 3.42
N GLY A 185 20.54 14.70 2.12
CA GLY A 185 21.61 14.57 1.15
C GLY A 185 22.00 13.15 0.83
N ASP A 186 21.60 12.19 1.66
CA ASP A 186 21.86 10.78 1.33
C ASP A 186 21.14 10.38 0.05
N ARG A 187 21.83 9.64 -0.81
CA ARG A 187 21.16 8.93 -1.89
C ARG A 187 20.56 7.63 -1.34
N VAL A 188 19.38 7.27 -1.85
CA VAL A 188 18.67 6.10 -1.36
C VAL A 188 18.31 5.23 -2.54
N GLU A 189 18.65 3.95 -2.48
CA GLU A 189 18.28 3.01 -3.53
C GLU A 189 16.80 2.70 -3.40
N ALA A 190 16.05 2.91 -4.48
CA ALA A 190 14.59 2.80 -4.39
C ALA A 190 14.03 2.49 -5.77
N THR A 191 12.94 1.73 -5.79
CA THR A 191 12.22 1.46 -7.03
C THR A 191 10.72 1.66 -6.76
N GLY A 192 10.00 2.06 -7.79
CA GLY A 192 8.58 2.21 -7.66
C GLY A 192 7.97 2.70 -8.97
N PRO A 193 6.64 2.86 -9.00
CA PRO A 193 5.73 2.50 -7.90
C PRO A 193 5.35 1.03 -7.95
N LEU A 194 4.83 0.53 -6.82
CA LEU A 194 4.28 -0.80 -6.72
C LEU A 194 2.94 -0.72 -6.03
N GLY A 195 2.14 -1.78 -6.14
CA GLY A 195 0.98 -1.92 -5.29
C GLY A 195 -0.34 -1.60 -6.01
N ASP A 196 -1.42 -2.12 -5.43
CA ASP A 196 -2.78 -2.00 -5.97
C ASP A 196 -3.72 -1.23 -5.05
N PHE A 197 -3.21 -0.62 -3.98
CA PHE A 197 -4.07 0.03 -2.99
C PHE A 197 -4.34 1.47 -3.43
N HIS A 198 -5.21 1.62 -4.43
CA HIS A 198 -5.48 2.95 -4.96
C HIS A 198 -6.90 3.02 -5.50
N LEU A 199 -7.36 4.24 -5.78
CA LEU A 199 -8.69 4.45 -6.29
C LEU A 199 -8.85 3.87 -7.70
N PRO A 200 -10.07 3.46 -8.06
CA PRO A 200 -10.34 3.11 -9.44
C PRO A 200 -10.22 4.33 -10.35
N PRO A 201 -10.22 4.14 -11.66
CA PRO A 201 -10.18 5.30 -12.56
C PRO A 201 -11.32 6.24 -12.26
N PRO A 202 -11.13 7.54 -12.50
CA PRO A 202 -12.20 8.51 -12.20
C PRO A 202 -13.55 8.14 -12.78
N ASP A 203 -13.58 7.59 -14.00
CA ASP A 203 -14.83 7.20 -14.65
C ASP A 203 -15.59 6.13 -13.89
N GLU A 204 -14.90 5.32 -13.08
CA GLU A 204 -15.54 4.23 -12.35
C GLU A 204 -15.77 4.58 -10.88
N ASP A 205 -15.68 5.86 -10.53
CA ASP A 205 -15.80 6.33 -9.15
C ASP A 205 -17.12 7.04 -9.01
N ASP A 206 -18.08 6.38 -8.35
CA ASP A 206 -19.43 6.91 -8.20
C ASP A 206 -19.55 7.98 -7.13
N GLY A 207 -18.46 8.34 -6.45
CA GLY A 207 -18.58 9.37 -5.43
C GLY A 207 -19.22 8.91 -4.14
N GLY A 208 -19.38 7.60 -3.94
CA GLY A 208 -20.01 7.08 -2.74
C GLY A 208 -19.13 7.27 -1.52
N PRO A 209 -19.72 7.07 -0.33
CA PRO A 209 -18.97 7.30 0.91
C PRO A 209 -17.85 6.31 1.10
N MET A 210 -16.78 6.79 1.74
CA MET A 210 -15.60 5.97 2.00
C MET A 210 -15.21 6.04 3.47
N VAL A 211 -14.84 4.90 4.04
CA VAL A 211 -14.17 4.88 5.34
C VAL A 211 -12.76 4.39 5.13
N LEU A 212 -11.79 5.09 5.74
CA LEU A 212 -10.38 4.74 5.63
C LEU A 212 -9.87 4.55 7.04
N ILE A 213 -9.21 3.42 7.30
CA ILE A 213 -8.76 3.10 8.64
C ILE A 213 -7.28 2.74 8.59
N GLY A 214 -6.48 3.52 9.30
CA GLY A 214 -5.04 3.35 9.31
C GLY A 214 -4.56 2.96 10.69
N GLY A 215 -3.82 1.86 10.78
CA GLY A 215 -3.18 1.53 12.04
C GLY A 215 -1.77 2.05 12.04
N GLY A 216 -1.46 2.96 12.96
CA GLY A 216 -0.11 3.51 13.01
C GLY A 216 0.23 4.24 11.72
N THR A 217 1.41 3.96 11.16
CA THR A 217 1.77 4.61 9.91
C THR A 217 1.02 4.04 8.71
N GLY A 218 0.10 3.10 8.92
CA GLY A 218 -0.90 2.75 7.92
C GLY A 218 -1.72 3.96 7.46
N LEU A 219 -1.64 5.06 8.22
CA LEU A 219 -2.23 6.32 7.77
C LEU A 219 -1.66 6.79 6.43
N ALA A 220 -0.40 6.49 6.14
CA ALA A 220 0.28 7.18 5.04
C ALA A 220 -0.45 7.09 3.70
N PRO A 221 -0.76 5.91 3.16
CA PRO A 221 -1.41 5.88 1.84
C PRO A 221 -2.81 6.44 1.90
N LEU A 222 -3.43 6.41 3.08
CA LEU A 222 -4.78 6.93 3.21
C LEU A 222 -4.81 8.44 3.06
N VAL A 223 -3.71 9.11 3.39
CA VAL A 223 -3.61 10.54 3.17
C VAL A 223 -3.71 10.85 1.69
N GLY A 224 -2.98 10.10 0.87
CA GLY A 224 -3.04 10.35 -0.57
C GLY A 224 -4.37 9.95 -1.17
N ILE A 225 -4.91 8.82 -0.73
CA ILE A 225 -6.19 8.34 -1.26
C ILE A 225 -7.31 9.31 -0.90
N ALA A 226 -7.37 9.71 0.38
CA ALA A 226 -8.44 10.62 0.81
C ALA A 226 -8.38 11.95 0.08
N ARG A 227 -7.18 12.53 -0.06
N ARG A 227 -7.18 12.53 -0.05
CA ARG A 227 -7.07 13.80 -0.76
CA ARG A 227 -7.06 13.79 -0.76
C ARG A 227 -7.42 13.67 -2.23
C ARG A 227 -7.44 13.65 -2.22
N THR A 228 -7.06 12.53 -2.85
CA THR A 228 -7.43 12.32 -4.24
C THR A 228 -8.95 12.18 -4.39
N ALA A 229 -9.58 11.43 -3.48
CA ALA A 229 -11.02 11.22 -3.59
C ALA A 229 -11.78 12.51 -3.40
N LEU A 230 -11.29 13.36 -2.51
CA LEU A 230 -11.96 14.63 -2.25
C LEU A 230 -11.75 15.62 -3.38
N ALA A 231 -10.61 15.56 -4.06
CA ALA A 231 -10.43 16.42 -5.23
C ALA A 231 -11.42 16.05 -6.33
N ARG A 232 -11.66 14.75 -6.54
CA ARG A 232 -12.62 14.29 -7.53
C ARG A 232 -14.05 14.68 -7.15
N HIS A 233 -14.41 14.52 -5.88
CA HIS A 233 -15.77 14.76 -5.41
C HIS A 233 -15.70 15.53 -4.11
N PRO A 234 -15.65 16.86 -4.18
CA PRO A 234 -15.34 17.67 -2.98
C PRO A 234 -16.34 17.54 -1.86
N SER A 235 -17.59 17.17 -2.13
N SER A 235 -17.58 17.13 -2.14
CA SER A 235 -18.61 17.10 -1.10
CA SER A 235 -18.60 16.93 -1.12
C SER A 235 -18.81 15.69 -0.57
C SER A 235 -18.71 15.48 -0.68
N ARG A 236 -18.03 14.73 -1.04
N ARG A 236 -17.74 14.65 -1.02
CA ARG A 236 -18.26 13.35 -0.67
CA ARG A 236 -17.81 13.24 -0.68
C ARG A 236 -17.89 13.11 0.78
C ARG A 236 -17.73 13.05 0.83
N GLU A 237 -18.42 12.02 1.33
CA GLU A 237 -18.21 11.60 2.70
C GLU A 237 -16.95 10.75 2.76
N VAL A 238 -15.97 11.19 3.55
CA VAL A 238 -14.71 10.48 3.72
C VAL A 238 -14.43 10.48 5.21
N LEU A 239 -14.49 9.31 5.84
CA LEU A 239 -14.23 9.16 7.27
C LEU A 239 -12.87 8.49 7.44
N LEU A 240 -11.92 9.21 8.03
CA LEU A 240 -10.55 8.72 8.16
C LEU A 240 -10.25 8.51 9.65
N TYR A 241 -10.07 7.26 10.06
CA TYR A 241 -9.78 6.94 11.45
C TYR A 241 -8.31 6.56 11.58
N HIS A 242 -7.63 7.12 12.58
CA HIS A 242 -6.23 6.83 12.82
C HIS A 242 -6.10 6.06 14.14
N GLY A 243 -5.78 4.77 14.06
CA GLY A 243 -5.70 3.97 15.26
C GLY A 243 -4.29 3.93 15.81
N VAL A 244 -4.07 4.45 17.01
CA VAL A 244 -2.76 4.50 17.63
C VAL A 244 -2.88 4.13 19.09
N ARG A 245 -1.73 3.95 19.74
CA ARG A 245 -1.72 3.59 21.15
C ARG A 245 -2.13 4.78 22.02
N GLY A 246 -1.61 5.96 21.73
CA GLY A 246 -1.86 7.11 22.57
C GLY A 246 -1.69 8.40 21.79
N ALA A 247 -2.00 9.53 22.45
CA ALA A 247 -1.94 10.81 21.76
C ALA A 247 -0.54 11.12 21.28
N ALA A 248 0.48 10.60 21.96
CA ALA A 248 1.85 10.85 21.55
C ALA A 248 2.17 10.31 20.17
N ASP A 249 1.36 9.37 19.67
CA ASP A 249 1.53 8.77 18.36
C ASP A 249 0.88 9.57 17.23
N LEU A 250 0.10 10.59 17.55
CA LEU A 250 -0.66 11.29 16.52
C LEU A 250 0.21 12.31 15.83
N TYR A 251 -0.10 12.59 14.57
CA TYR A 251 0.67 13.57 13.82
C TYR A 251 -0.18 14.20 12.73
N ASP A 252 0.31 15.34 12.23
CA ASP A 252 -0.32 16.09 11.13
C ASP A 252 -1.77 16.48 11.46
N LEU A 253 -2.07 16.71 12.74
CA LEU A 253 -3.44 17.08 13.08
C LEU A 253 -3.85 18.38 12.38
N GLY A 254 -2.92 19.32 12.25
CA GLY A 254 -3.24 20.57 11.56
C GLY A 254 -3.57 20.36 10.10
N ARG A 255 -2.86 19.43 9.44
CA ARG A 255 -3.14 19.13 8.04
C ARG A 255 -4.53 18.55 7.85
N PHE A 256 -4.92 17.61 8.73
CA PHE A 256 -6.25 17.03 8.60
C PHE A 256 -7.33 18.05 8.95
N ALA A 257 -7.04 18.98 9.87
CA ALA A 257 -8.00 20.01 10.20
C ALA A 257 -8.25 20.92 9.00
N GLU A 258 -7.21 21.22 8.22
CA GLU A 258 -7.38 22.04 7.03
C GLU A 258 -8.22 21.31 5.99
N ILE A 259 -8.03 19.99 5.85
CA ILE A 259 -8.86 19.21 4.92
C ILE A 259 -10.32 19.28 5.35
N ALA A 260 -10.58 19.09 6.64
CA ALA A 260 -11.95 19.11 7.13
C ALA A 260 -12.60 20.49 6.95
N GLU A 261 -11.83 21.56 7.11
CA GLU A 261 -12.47 22.88 6.98
C GLU A 261 -12.95 23.09 5.55
N GLU A 262 -12.25 22.49 4.57
CA GLU A 262 -12.59 22.67 3.17
C GLU A 262 -13.66 21.69 2.67
N HIS A 263 -13.70 20.51 3.27
CA HIS A 263 -14.52 19.40 2.78
C HIS A 263 -15.49 18.97 3.86
N PRO A 264 -16.75 19.43 3.82
CA PRO A 264 -17.66 19.20 4.96
C PRO A 264 -18.00 17.74 5.19
N GLY A 265 -17.78 16.87 4.20
CA GLY A 265 -18.00 15.45 4.37
C GLY A 265 -16.83 14.68 4.92
N PHE A 266 -15.70 15.35 5.09
CA PHE A 266 -14.49 14.72 5.62
C PHE A 266 -14.46 14.82 7.13
N ARG A 267 -14.08 13.72 7.78
CA ARG A 267 -13.82 13.73 9.22
C ARG A 267 -12.55 12.97 9.49
N PHE A 268 -11.75 13.47 10.42
CA PHE A 268 -10.55 12.78 10.89
C PHE A 268 -10.75 12.42 12.36
N VAL A 269 -10.56 11.15 12.69
CA VAL A 269 -10.90 10.63 14.00
C VAL A 269 -9.74 9.82 14.58
N PRO A 270 -8.93 10.40 15.46
CA PRO A 270 -7.97 9.59 16.21
C PRO A 270 -8.70 8.61 17.12
N VAL A 271 -8.12 7.42 17.28
CA VAL A 271 -8.66 6.41 18.18
C VAL A 271 -7.50 5.81 18.96
N LEU A 272 -7.53 5.93 20.30
CA LEU A 272 -6.41 5.55 21.15
C LEU A 272 -6.74 4.27 21.89
N SER A 273 -5.88 3.26 21.75
CA SER A 273 -6.15 1.93 22.31
C SER A 273 -5.57 1.72 23.70
N ASP A 274 -4.45 2.34 24.03
CA ASP A 274 -3.71 2.05 25.25
C ASP A 274 -3.69 3.18 26.25
N GLU A 275 -3.48 4.42 25.79
CA GLU A 275 -3.27 5.56 26.69
C GLU A 275 -4.41 6.55 26.54
N PRO A 276 -5.43 6.49 27.39
CA PRO A 276 -6.61 7.33 27.20
C PRO A 276 -6.29 8.81 27.30
N ASP A 277 -7.08 9.61 26.59
CA ASP A 277 -6.97 11.05 26.54
C ASP A 277 -8.39 11.57 26.41
N PRO A 278 -8.82 12.49 27.27
CA PRO A 278 -10.22 12.97 27.20
C PRO A 278 -10.56 13.62 25.87
N ALA A 279 -9.57 14.11 25.13
CA ALA A 279 -9.85 14.80 23.87
C ALA A 279 -10.23 13.84 22.75
N TYR A 280 -10.04 12.53 22.92
CA TYR A 280 -10.02 11.61 21.79
C TYR A 280 -10.83 10.35 22.08
N ARG A 281 -11.38 9.76 21.01
CA ARG A 281 -12.05 8.47 21.08
C ARG A 281 -11.10 7.40 21.60
N GLY A 282 -11.63 6.47 22.40
CA GLY A 282 -10.85 5.36 22.89
C GLY A 282 -11.18 4.07 22.14
N GLY A 283 -10.27 3.10 22.24
CA GLY A 283 -10.53 1.78 21.71
C GLY A 283 -9.77 1.48 20.43
N PHE A 284 -10.37 0.64 19.60
CA PHE A 284 -9.71 0.25 18.39
C PHE A 284 -10.45 0.85 17.19
N PRO A 285 -9.76 1.16 16.10
CA PRO A 285 -10.34 2.10 15.11
C PRO A 285 -11.50 1.52 14.32
N THR A 286 -11.43 0.27 13.92
CA THR A 286 -12.59 -0.32 13.26
C THR A 286 -13.83 -0.26 14.17
N ASP A 287 -13.64 -0.44 15.48
CA ASP A 287 -14.76 -0.34 16.41
C ASP A 287 -15.41 1.06 16.37
N ALA A 288 -14.59 2.11 16.23
CA ALA A 288 -15.15 3.45 16.23
C ALA A 288 -16.00 3.71 14.98
N PHE A 289 -15.57 3.20 13.82
CA PHE A 289 -16.39 3.37 12.63
C PHE A 289 -17.72 2.66 12.79
N VAL A 290 -17.71 1.41 13.26
N VAL A 290 -17.68 1.40 13.25
CA VAL A 290 -18.98 0.71 13.36
CA VAL A 290 -18.90 0.64 13.45
C VAL A 290 -19.88 1.31 14.43
C VAL A 290 -19.86 1.38 14.38
N GLU A 291 -19.30 2.05 15.40
CA GLU A 291 -20.14 2.84 16.31
C GLU A 291 -20.77 4.03 15.58
N ASP A 292 -20.02 4.70 14.72
CA ASP A 292 -20.49 5.89 14.02
C ASP A 292 -21.46 5.56 12.88
N VAL A 293 -21.25 4.43 12.22
CA VAL A 293 -21.95 4.05 10.98
C VAL A 293 -22.40 2.60 11.16
N PRO A 294 -23.55 2.36 11.79
CA PRO A 294 -23.89 0.98 12.17
C PRO A 294 -24.08 0.05 10.99
N SER A 295 -24.49 0.56 9.84
CA SER A 295 -24.63 -0.27 8.65
C SER A 295 -23.67 0.24 7.58
N GLY A 296 -22.75 -0.63 7.15
CA GLY A 296 -21.82 -0.34 6.09
C GLY A 296 -22.32 -0.58 4.68
N ARG A 297 -23.59 -0.91 4.50
CA ARG A 297 -24.06 -1.22 3.17
C ARG A 297 -24.02 0.03 2.29
N GLY A 298 -23.40 -0.09 1.13
CA GLY A 298 -23.24 1.02 0.22
C GLY A 298 -21.97 1.81 0.42
N TRP A 299 -21.19 1.48 1.44
CA TRP A 299 -19.92 2.12 1.71
C TRP A 299 -18.78 1.41 1.00
N SER A 300 -17.67 2.11 0.85
N SER A 300 -17.69 2.13 0.79
CA SER A 300 -16.40 1.50 0.42
CA SER A 300 -16.41 1.52 0.44
C SER A 300 -15.35 1.73 1.49
C SER A 300 -15.50 1.64 1.65
N GLY A 301 -14.58 0.69 1.78
CA GLY A 301 -13.68 0.70 2.93
C GLY A 301 -12.25 0.43 2.54
N TRP A 302 -11.33 1.13 3.19
CA TRP A 302 -9.91 1.10 2.88
C TRP A 302 -9.16 0.88 4.18
N LEU A 303 -8.48 -0.28 4.32
CA LEU A 303 -7.82 -0.63 5.57
C LEU A 303 -6.33 -0.78 5.32
N CYS A 304 -5.50 -0.14 6.14
CA CYS A 304 -4.06 -0.30 5.96
C CYS A 304 -3.37 -0.31 7.32
N GLY A 305 -2.45 -1.25 7.50
CA GLY A 305 -1.75 -1.37 8.75
C GLY A 305 -1.20 -2.77 8.91
N PRO A 306 -0.89 -3.17 10.14
CA PRO A 306 -0.42 -4.54 10.37
C PRO A 306 -1.43 -5.54 9.85
N PRO A 307 -0.96 -6.71 9.39
CA PRO A 307 -1.88 -7.68 8.75
C PRO A 307 -3.07 -8.07 9.61
N ALA A 308 -2.86 -8.35 10.89
CA ALA A 308 -3.97 -8.84 11.71
C ALA A 308 -5.05 -7.78 11.85
N MET A 309 -4.63 -6.52 11.99
CA MET A 309 -5.58 -5.41 12.06
C MET A 309 -6.39 -5.29 10.79
N VAL A 310 -5.74 -5.42 9.64
CA VAL A 310 -6.45 -5.35 8.37
C VAL A 310 -7.44 -6.51 8.26
N GLU A 311 -6.98 -7.74 8.57
CA GLU A 311 -7.87 -8.88 8.39
C GLU A 311 -9.05 -8.81 9.34
N ALA A 312 -8.82 -8.41 10.59
CA ALA A 312 -9.93 -8.26 11.51
C ALA A 312 -10.87 -7.17 11.05
N GLY A 313 -10.32 -6.07 10.53
CA GLY A 313 -11.14 -4.98 10.06
C GLY A 313 -12.00 -5.36 8.88
N VAL A 314 -11.44 -6.13 7.93
CA VAL A 314 -12.23 -6.59 6.79
C VAL A 314 -13.43 -7.38 7.27
N LYS A 315 -13.22 -8.30 8.21
CA LYS A 315 -14.33 -9.13 8.66
C LYS A 315 -15.38 -8.29 9.38
N ALA A 316 -14.95 -7.29 10.14
CA ALA A 316 -15.91 -6.42 10.83
C ALA A 316 -16.73 -5.61 9.83
N PHE A 317 -16.07 -5.04 8.82
CA PHE A 317 -16.80 -4.37 7.75
C PHE A 317 -17.87 -5.30 7.15
N LYS A 318 -17.49 -6.54 6.86
CA LYS A 318 -18.42 -7.43 6.18
C LYS A 318 -19.60 -7.81 7.08
N ARG A 319 -19.34 -7.98 8.38
N ARG A 319 -19.36 -7.94 8.38
CA ARG A 319 -20.42 -8.27 9.31
CA ARG A 319 -20.44 -8.29 9.30
C ARG A 319 -21.48 -7.18 9.29
C ARG A 319 -21.47 -7.17 9.39
N ARG A 320 -21.06 -5.93 9.12
CA ARG A 320 -21.98 -4.81 9.06
C ARG A 320 -22.45 -4.54 7.63
N ARG A 321 -22.29 -5.52 6.74
CA ARG A 321 -22.92 -5.62 5.44
C ARG A 321 -22.30 -4.68 4.42
N MET A 322 -21.05 -4.27 4.63
CA MET A 322 -20.30 -3.61 3.57
C MET A 322 -19.95 -4.65 2.51
N SER A 323 -20.06 -4.25 1.24
N SER A 323 -20.06 -4.25 1.23
CA SER A 323 -19.92 -5.21 0.13
CA SER A 323 -19.88 -5.18 0.11
C SER A 323 -18.47 -5.64 -0.05
C SER A 323 -18.42 -5.65 0.01
N PRO A 324 -18.18 -6.94 -0.11
CA PRO A 324 -16.81 -7.40 -0.42
C PRO A 324 -16.17 -6.68 -1.60
N ARG A 325 -16.97 -6.34 -2.61
CA ARG A 325 -16.44 -5.70 -3.80
C ARG A 325 -15.83 -4.33 -3.50
N ARG A 326 -16.22 -3.73 -2.38
CA ARG A 326 -15.83 -2.35 -2.09
C ARG A 326 -14.91 -2.26 -0.89
N ILE A 327 -14.25 -3.36 -0.54
CA ILE A 327 -13.32 -3.40 0.58
C ILE A 327 -11.92 -3.53 0.00
N HIS A 328 -11.05 -2.62 0.38
CA HIS A 328 -9.69 -2.53 -0.14
C HIS A 328 -8.69 -2.65 1.01
N ARG A 329 -7.58 -3.36 0.80
CA ARG A 329 -6.66 -3.69 1.89
C ARG A 329 -5.23 -3.48 1.48
N GLU A 330 -4.41 -2.99 2.40
CA GLU A 330 -2.96 -2.94 2.26
C GLU A 330 -2.34 -3.42 3.57
N LYS A 331 -1.69 -4.58 3.56
CA LYS A 331 -1.13 -5.10 4.80
C LYS A 331 0.37 -4.83 4.88
N PHE A 332 0.80 -4.21 5.99
CA PHE A 332 2.21 -3.94 6.28
C PHE A 332 2.84 -5.20 6.86
N THR A 333 2.92 -6.24 6.03
CA THR A 333 3.41 -7.52 6.51
C THR A 333 4.92 -7.48 6.72
N PRO A 334 5.43 -7.87 7.89
CA PRO A 334 6.88 -7.89 8.09
C PRO A 334 7.59 -8.72 7.04
N ALA A 335 8.80 -8.27 6.71
CA ALA A 335 9.65 -8.90 5.71
C ALA A 335 10.64 -9.87 6.33
N SER A 336 10.64 -10.00 7.64
CA SER A 336 11.55 -10.91 8.33
C SER A 336 10.93 -11.38 9.64
#